data_3AVC
#
_entry.id   3AVC
#
_cell.length_a   70.945
_cell.length_b   70.945
_cell.length_c   66.995
_cell.angle_alpha   90.000
_cell.angle_beta   90.000
_cell.angle_gamma   120.000
#
_symmetry.space_group_name_H-M   'P 31'
#
loop_
_entity.id
_entity.type
_entity.pdbx_description
1 polymer Integrase
2 polymer 'LEDGF peptide'
3 non-polymer 'SULFATE ION'
4 non-polymer 'CHLORIDE ION'
5 non-polymer 'ACETIC ACID'
6 water water
#
loop_
_entity_poly.entity_id
_entity_poly.type
_entity_poly.pdbx_seq_one_letter_code
_entity_poly.pdbx_strand_id
1 'polypeptide(L)'
;MGSSHHHHHHSSGLVPRGSHMHGQVDSSPGIWQLDCTHLEGKVILVAVHVASGYIEAEVIPAETGQETAYFLLKLAGRWP
VKTVHTDNGSNFTSTTVKAACWWAGIKQEDGIPYNPQSQGVIESMNKELKKIIGQVRDQAEHLKTAVQMAVFIHNHKRKG
GIGGYSAGERIVDIIATDIQTKE
;
A,B
2 'polypeptide(L)' SDKIDNLD D,F
#
loop_
_chem_comp.id
_chem_comp.type
_chem_comp.name
_chem_comp.formula
ACY non-polymer 'ACETIC ACID' 'C2 H4 O2'
CL non-polymer 'CHLORIDE ION' 'Cl -1'
SO4 non-polymer 'SULFATE ION' 'O4 S -2'
#
# COMPACT_ATOMS: atom_id res chain seq x y z
N SER A 28 1.77 18.68 -9.50
N SER A 28 1.75 18.73 -9.54
CA SER A 28 2.48 18.25 -8.24
CA SER A 28 2.44 18.29 -8.27
C SER A 28 1.73 17.35 -7.22
C SER A 28 1.72 17.34 -7.28
N PRO A 29 0.38 17.38 -7.15
CA PRO A 29 -0.25 16.30 -6.38
C PRO A 29 0.02 14.85 -6.86
N GLY A 30 0.32 14.69 -8.15
CA GLY A 30 0.41 13.37 -8.81
C GLY A 30 1.90 12.92 -8.96
N ILE A 31 2.86 13.66 -8.42
CA ILE A 31 4.32 13.35 -8.77
C ILE A 31 5.04 12.58 -7.71
N TRP A 32 5.64 11.45 -8.08
CA TRP A 32 6.33 10.59 -7.14
C TRP A 32 7.73 10.32 -7.72
N GLN A 33 8.64 10.03 -6.79
CA GLN A 33 10.06 9.70 -7.11
CA GLN A 33 10.04 9.69 -7.14
C GLN A 33 10.40 8.36 -6.54
N LEU A 34 11.03 7.50 -7.33
CA LEU A 34 11.45 6.18 -6.82
C LEU A 34 12.84 6.31 -6.23
N ASP A 35 13.17 5.43 -5.31
CA ASP A 35 14.51 5.54 -4.65
C ASP A 35 14.82 4.13 -4.17
N CYS A 36 16.08 3.69 -4.30
CA CYS A 36 16.36 2.31 -4.01
C CYS A 36 17.55 2.41 -3.04
N THR A 37 17.46 1.78 -1.90
CA THR A 37 18.59 1.82 -0.94
C THR A 37 18.87 0.39 -0.47
N HIS A 38 20.02 0.10 0.17
CA HIS A 38 20.31 -1.29 0.50
C HIS A 38 20.58 -1.41 2.01
N LEU A 39 20.22 -2.54 2.57
CA LEU A 39 20.50 -2.84 3.97
C LEU A 39 20.49 -4.32 4.11
N GLU A 40 21.45 -4.85 4.84
CA GLU A 40 21.44 -6.27 5.21
C GLU A 40 21.50 -7.17 4.02
N GLY A 41 22.14 -6.68 2.94
CA GLY A 41 22.23 -7.49 1.72
C GLY A 41 20.94 -7.53 0.92
N LYS A 42 20.00 -6.65 1.23
CA LYS A 42 18.68 -6.70 0.51
C LYS A 42 18.48 -5.28 0.07
N VAL A 43 17.42 -5.07 -0.72
CA VAL A 43 17.11 -3.81 -1.39
C VAL A 43 15.81 -3.31 -0.78
N ILE A 44 15.77 -2.01 -0.49
CA ILE A 44 14.51 -1.45 0.01
C ILE A 44 14.12 -0.48 -1.13
N LEU A 45 13.00 -0.77 -1.81
CA LEU A 45 12.53 0.16 -2.85
C LEU A 45 11.50 1.13 -2.19
N VAL A 46 11.65 2.45 -2.43
CA VAL A 46 10.85 3.45 -1.77
C VAL A 46 10.20 4.29 -2.88
N ALA A 47 8.96 4.72 -2.73
CA ALA A 47 8.33 5.72 -3.58
C ALA A 47 8.06 6.92 -2.68
N VAL A 48 8.55 8.10 -3.08
CA VAL A 48 8.28 9.31 -2.30
C VAL A 48 7.34 10.23 -3.06
N HIS A 49 6.29 10.71 -2.39
CA HIS A 49 5.43 11.68 -2.95
C HIS A 49 6.09 13.03 -2.70
N VAL A 50 6.52 13.65 -3.78
CA VAL A 50 7.52 14.73 -3.67
C VAL A 50 6.97 15.94 -2.87
N ALA A 51 5.72 16.28 -3.09
CA ALA A 51 5.18 17.55 -2.48
C ALA A 51 4.98 17.36 -0.96
N SER A 52 4.75 16.13 -0.47
CA SER A 52 4.51 15.91 0.97
C SER A 52 5.58 15.23 1.74
N GLY A 53 6.42 14.48 1.07
CA GLY A 53 7.43 13.60 1.70
C GLY A 53 6.85 12.27 2.22
N TYR A 54 5.60 12.00 1.92
CA TYR A 54 5.00 10.70 2.36
C TYR A 54 5.71 9.60 1.57
N ILE A 55 5.88 8.43 2.15
CA ILE A 55 6.55 7.31 1.42
C ILE A 55 5.78 6.00 1.51
N GLU A 56 6.05 5.12 0.52
CA GLU A 56 5.68 3.68 0.62
C GLU A 56 7.00 2.97 0.35
N ALA A 57 7.14 1.77 0.91
CA ALA A 57 8.42 1.09 0.66
C ALA A 57 8.16 -0.41 0.71
N GLU A 58 9.06 -1.22 0.11
CA GLU A 58 9.04 -2.64 0.27
CA GLU A 58 9.03 -2.65 0.25
C GLU A 58 10.48 -3.19 0.24
N VAL A 59 10.67 -4.39 0.81
CA VAL A 59 11.94 -5.12 0.73
C VAL A 59 11.83 -6.13 -0.38
N ILE A 60 12.78 -6.12 -1.31
CA ILE A 60 12.91 -7.15 -2.40
C ILE A 60 14.36 -7.67 -2.43
N PRO A 61 14.58 -8.92 -2.95
CA PRO A 61 15.95 -9.49 -2.85
C PRO A 61 16.93 -8.73 -3.75
N ALA A 62 16.39 -8.21 -4.87
CA ALA A 62 17.16 -7.41 -5.83
C ALA A 62 16.26 -6.49 -6.64
N GLU A 63 16.81 -5.38 -7.10
N GLU A 63 16.81 -5.40 -7.21
CA GLU A 63 16.00 -4.55 -7.94
CA GLU A 63 15.97 -4.42 -7.96
C GLU A 63 15.99 -5.22 -9.32
C GLU A 63 15.78 -4.68 -9.49
N THR A 64 14.79 -5.48 -9.84
CA THR A 64 14.61 -5.92 -11.21
C THR A 64 13.47 -5.07 -11.79
N GLY A 65 13.33 -5.08 -13.13
CA GLY A 65 12.23 -4.33 -13.76
C GLY A 65 10.92 -4.98 -13.30
N GLN A 66 10.88 -6.31 -13.22
CA GLN A 66 9.65 -6.96 -12.76
C GLN A 66 9.24 -6.50 -11.35
N GLU A 67 10.17 -6.41 -10.41
CA GLU A 67 9.81 -6.02 -9.01
C GLU A 67 9.46 -4.57 -9.02
N THR A 68 10.17 -3.79 -9.87
CA THR A 68 9.82 -2.31 -9.83
C THR A 68 8.43 -2.06 -10.43
N ALA A 69 8.12 -2.78 -11.50
CA ALA A 69 6.85 -2.68 -12.18
C ALA A 69 5.68 -3.07 -11.23
N TYR A 70 5.86 -4.15 -10.48
CA TYR A 70 4.77 -4.60 -9.58
C TYR A 70 4.60 -3.56 -8.46
N PHE A 71 5.70 -3.02 -7.95
CA PHE A 71 5.58 -1.97 -6.92
C PHE A 71 4.81 -0.76 -7.45
N LEU A 72 5.07 -0.35 -8.69
CA LEU A 72 4.39 0.81 -9.21
C LEU A 72 2.90 0.50 -9.45
N LEU A 73 2.61 -0.72 -9.89
CA LEU A 73 1.15 -1.12 -10.01
C LEU A 73 0.45 -1.03 -8.67
N LYS A 74 1.08 -1.55 -7.63
CA LYS A 74 0.50 -1.40 -6.27
CA LYS A 74 0.47 -1.39 -6.28
C LYS A 74 0.30 0.08 -5.88
N LEU A 75 1.35 0.90 -6.09
CA LEU A 75 1.24 2.27 -5.65
C LEU A 75 0.07 3.01 -6.42
N ALA A 76 -0.01 2.80 -7.74
CA ALA A 76 -0.98 3.49 -8.54
C ALA A 76 -2.42 3.06 -8.27
N GLY A 77 -2.61 1.86 -7.69
CA GLY A 77 -4.01 1.48 -7.32
C GLY A 77 -4.40 2.13 -6.00
N ARG A 78 -3.42 2.70 -5.24
CA ARG A 78 -3.70 3.23 -3.88
C ARG A 78 -3.70 4.76 -3.85
N TRP A 79 -2.89 5.42 -4.69
CA TRP A 79 -2.88 6.88 -4.83
C TRP A 79 -2.91 7.26 -6.26
N PRO A 80 -3.29 8.52 -6.56
CA PRO A 80 -3.48 8.95 -7.97
C PRO A 80 -2.15 9.38 -8.58
N VAL A 81 -1.39 8.42 -9.04
CA VAL A 81 -0.02 8.57 -9.44
C VAL A 81 -0.06 9.07 -10.93
N LYS A 82 0.35 10.31 -11.16
CA LYS A 82 0.39 10.84 -12.55
C LYS A 82 1.74 10.70 -13.21
N THR A 83 2.80 10.95 -12.44
CA THR A 83 4.17 10.86 -12.99
C THR A 83 5.07 10.17 -12.03
N VAL A 84 5.90 9.23 -12.51
CA VAL A 84 6.95 8.70 -11.62
CA VAL A 84 6.93 8.67 -11.65
C VAL A 84 8.31 9.02 -12.22
N HIS A 85 9.16 9.65 -11.40
CA HIS A 85 10.60 9.84 -11.72
C HIS A 85 11.33 8.60 -11.28
N THR A 86 11.89 7.90 -12.25
CA THR A 86 12.48 6.58 -11.95
CA THR A 86 12.46 6.61 -11.96
C THR A 86 13.80 6.82 -11.21
N ASP A 87 14.24 5.77 -10.49
CA ASP A 87 15.43 5.94 -9.57
C ASP A 87 16.79 5.80 -10.32
N ASN A 88 16.77 5.13 -11.46
CA ASN A 88 18.01 4.89 -12.27
C ASN A 88 17.63 4.58 -13.74
N GLY A 89 18.64 4.48 -14.60
CA GLY A 89 18.38 4.44 -16.05
C GLY A 89 17.94 3.00 -16.41
N SER A 90 18.28 2.03 -15.60
CA SER A 90 17.84 0.62 -15.93
C SER A 90 16.29 0.55 -15.76
N ASN A 91 15.78 1.08 -14.64
CA ASN A 91 14.27 1.14 -14.45
C ASN A 91 13.68 2.08 -15.45
N PHE A 92 14.38 3.12 -15.89
CA PHE A 92 13.76 3.95 -16.93
C PHE A 92 13.70 3.17 -18.27
N THR A 93 14.75 2.41 -18.59
CA THR A 93 14.82 1.71 -19.86
C THR A 93 13.88 0.49 -19.86
N SER A 94 13.73 -0.15 -18.73
CA SER A 94 13.04 -1.46 -18.63
C SER A 94 11.67 -1.52 -19.33
N THR A 95 11.50 -2.47 -20.26
N THR A 95 11.49 -2.44 -20.27
CA THR A 95 10.21 -2.47 -20.98
CA THR A 95 10.22 -2.43 -20.96
C THR A 95 9.10 -2.89 -20.01
C THR A 95 9.09 -2.92 -20.04
N THR A 96 9.43 -3.73 -19.04
CA THR A 96 8.45 -4.17 -18.06
C THR A 96 7.96 -3.02 -17.20
N VAL A 97 8.91 -2.18 -16.74
CA VAL A 97 8.47 -0.97 -16.04
C VAL A 97 7.61 -0.06 -16.93
N LYS A 98 8.01 0.13 -18.20
CA LYS A 98 7.20 0.98 -19.08
C LYS A 98 5.79 0.36 -19.29
N ALA A 99 5.76 -0.96 -19.37
CA ALA A 99 4.45 -1.67 -19.53
C ALA A 99 3.56 -1.44 -18.32
N ALA A 100 4.10 -1.53 -17.08
CA ALA A 100 3.25 -1.19 -15.92
C ALA A 100 2.88 0.23 -15.88
N CYS A 101 3.74 1.17 -16.32
CA CYS A 101 3.35 2.62 -16.32
C CYS A 101 2.23 2.85 -17.40
N TRP A 102 2.33 2.11 -18.51
CA TRP A 102 1.28 2.21 -19.51
C TRP A 102 0.00 1.66 -18.87
N TRP A 103 0.05 0.51 -18.25
CA TRP A 103 -1.18 -0.13 -17.74
C TRP A 103 -1.86 0.81 -16.79
N ALA A 104 -1.09 1.38 -15.85
CA ALA A 104 -1.69 2.15 -14.73
C ALA A 104 -1.87 3.63 -15.08
N GLY A 105 -1.55 4.01 -16.33
CA GLY A 105 -1.76 5.39 -16.68
C GLY A 105 -0.71 6.38 -16.08
N ILE A 106 0.50 5.91 -15.92
CA ILE A 106 1.54 6.75 -15.27
C ILE A 106 2.50 7.22 -16.37
N LYS A 107 2.91 8.50 -16.30
CA LYS A 107 3.93 9.04 -17.21
CA LYS A 107 3.94 9.07 -17.18
C LYS A 107 5.28 8.66 -16.57
N GLN A 108 6.04 7.82 -17.23
CA GLN A 108 7.33 7.44 -16.68
C GLN A 108 8.38 8.46 -17.10
N GLU A 109 9.12 9.03 -16.15
CA GLU A 109 10.08 10.05 -16.48
C GLU A 109 11.44 9.69 -15.91
N ASP A 110 12.48 10.38 -16.37
CA ASP A 110 13.78 10.12 -15.73
C ASP A 110 13.85 10.77 -14.33
N GLY A 111 14.98 10.60 -13.61
CA GLY A 111 15.13 11.07 -12.26
C GLY A 111 16.32 12.04 -12.17
N ILE A 112 16.69 12.59 -13.31
CA ILE A 112 17.84 13.56 -13.36
CA ILE A 112 17.84 13.55 -13.29
C ILE A 112 17.57 14.73 -12.33
N PRO A 113 18.52 14.98 -11.37
CA PRO A 113 18.28 16.07 -10.42
C PRO A 113 18.59 17.46 -11.07
N TYR A 114 17.72 17.92 -11.95
CA TYR A 114 17.90 19.26 -12.55
C TYR A 114 17.91 20.32 -11.46
N ASN A 115 17.14 20.03 -10.41
CA ASN A 115 17.24 20.78 -9.17
C ASN A 115 18.15 20.04 -8.21
N PRO A 116 19.33 20.62 -7.96
CA PRO A 116 20.34 19.77 -7.28
C PRO A 116 19.87 19.46 -5.85
N GLN A 117 18.91 20.25 -5.33
CA GLN A 117 18.34 19.93 -3.99
C GLN A 117 17.77 18.51 -3.85
N SER A 118 17.26 17.95 -4.96
CA SER A 118 16.78 16.53 -4.99
C SER A 118 17.80 15.49 -4.52
N GLN A 119 19.02 15.49 -5.02
CA GLN A 119 20.00 14.53 -4.53
C GLN A 119 20.04 14.54 -3.01
N GLY A 120 20.16 15.75 -2.41
CA GLY A 120 20.38 15.88 -0.96
C GLY A 120 19.18 15.39 -0.16
N VAL A 121 17.98 15.72 -0.63
CA VAL A 121 16.72 15.36 0.02
C VAL A 121 16.60 13.83 0.07
N ILE A 122 16.84 13.18 -1.06
N ILE A 122 16.85 13.17 -1.06
CA ILE A 122 16.76 11.73 -1.12
CA ILE A 122 16.73 11.70 -1.09
C ILE A 122 17.78 11.09 -0.20
C ILE A 122 17.80 11.06 -0.22
N GLU A 123 19.02 11.61 -0.23
CA GLU A 123 20.06 11.02 0.61
C GLU A 123 19.69 11.20 2.09
N SER A 124 19.21 12.36 2.49
N SER A 124 19.19 12.39 2.40
CA SER A 124 18.86 12.51 3.91
CA SER A 124 18.72 12.76 3.72
C SER A 124 17.59 11.70 4.25
C SER A 124 17.67 11.73 4.15
N MET A 125 16.70 11.50 3.28
CA MET A 125 15.61 10.55 3.55
C MET A 125 16.12 9.11 3.77
N ASN A 126 17.06 8.64 2.98
CA ASN A 126 17.52 7.29 3.19
C ASN A 126 18.24 7.20 4.53
N LYS A 127 19.03 8.22 4.85
CA LYS A 127 19.69 8.16 6.19
C LYS A 127 18.69 8.15 7.33
N GLU A 128 17.64 8.98 7.22
CA GLU A 128 16.53 8.99 8.22
C GLU A 128 15.87 7.59 8.31
N LEU A 129 15.50 7.01 7.16
N LEU A 129 15.51 7.06 7.15
CA LEU A 129 14.86 5.68 7.24
CA LEU A 129 14.88 5.74 7.11
C LEU A 129 15.76 4.62 7.83
C LEU A 129 15.73 4.68 7.75
N LYS A 130 17.03 4.67 7.42
CA LYS A 130 17.93 3.69 8.04
C LYS A 130 18.09 3.89 9.54
N LYS A 131 18.03 5.14 9.96
CA LYS A 131 18.12 5.46 11.42
C LYS A 131 16.91 4.83 12.13
N ILE A 132 15.73 5.04 11.55
CA ILE A 132 14.53 4.51 12.15
C ILE A 132 14.56 3.01 12.16
N ILE A 133 14.93 2.37 11.02
CA ILE A 133 15.02 0.97 10.99
C ILE A 133 15.93 0.41 12.12
N GLY A 134 17.08 1.08 12.36
CA GLY A 134 17.90 0.65 13.50
C GLY A 134 17.26 0.77 14.85
N GLN A 135 16.43 1.80 15.05
CA GLN A 135 15.75 1.96 16.30
C GLN A 135 14.66 0.90 16.49
N VAL A 136 14.16 0.28 15.41
CA VAL A 136 13.12 -0.76 15.61
C VAL A 136 13.62 -2.08 15.37
N ARG A 137 14.86 -2.13 14.86
CA ARG A 137 15.26 -3.38 14.25
C ARG A 137 15.14 -4.56 15.17
N ASP A 138 15.36 -4.36 16.47
CA ASP A 138 15.32 -5.52 17.36
C ASP A 138 13.90 -5.92 17.85
N GLN A 139 12.88 -5.15 17.43
CA GLN A 139 11.48 -5.56 17.67
C GLN A 139 10.99 -6.49 16.60
N ALA A 140 11.77 -6.67 15.53
CA ALA A 140 11.28 -7.50 14.38
C ALA A 140 12.30 -8.59 14.03
N GLU A 141 11.82 -9.79 13.77
CA GLU A 141 12.62 -10.90 13.25
C GLU A 141 13.04 -10.50 11.81
N HIS A 142 12.07 -10.16 10.96
CA HIS A 142 12.40 -9.90 9.51
C HIS A 142 12.59 -8.45 9.19
N LEU A 143 13.56 -8.15 8.31
CA LEU A 143 13.70 -6.78 7.86
C LEU A 143 12.42 -6.18 7.30
N LYS A 144 11.58 -6.97 6.58
CA LYS A 144 10.37 -6.35 6.02
C LYS A 144 9.46 -5.71 7.09
N THR A 145 9.37 -6.34 8.25
CA THR A 145 8.58 -5.76 9.36
C THR A 145 9.22 -4.43 9.79
N ALA A 146 10.55 -4.44 10.02
CA ALA A 146 11.21 -3.25 10.45
C ALA A 146 11.00 -2.13 9.44
N VAL A 147 11.07 -2.48 8.15
CA VAL A 147 10.91 -1.38 7.13
C VAL A 147 9.46 -0.84 7.18
N GLN A 148 8.45 -1.73 7.37
CA GLN A 148 7.12 -1.18 7.47
C GLN A 148 6.93 -0.37 8.78
N MET A 149 7.59 -0.79 9.89
CA MET A 149 7.50 0.06 11.12
C MET A 149 8.11 1.43 10.81
N ALA A 150 9.20 1.46 10.01
CA ALA A 150 9.85 2.74 9.70
C ALA A 150 9.00 3.61 8.76
N VAL A 151 8.30 2.99 7.83
CA VAL A 151 7.33 3.73 6.98
C VAL A 151 6.29 4.37 7.90
N PHE A 152 5.81 3.58 8.86
CA PHE A 152 4.70 4.06 9.72
C PHE A 152 5.23 5.28 10.52
N ILE A 153 6.43 5.14 11.05
CA ILE A 153 6.94 6.27 11.90
C ILE A 153 7.21 7.48 11.04
N HIS A 154 7.82 7.26 9.89
CA HIS A 154 8.09 8.43 8.99
C HIS A 154 6.83 9.16 8.61
N ASN A 155 5.80 8.42 8.18
CA ASN A 155 4.58 9.04 7.69
C ASN A 155 3.76 9.69 8.80
N HIS A 156 3.94 9.23 10.02
CA HIS A 156 3.13 9.84 11.13
C HIS A 156 3.87 10.94 11.85
N LYS A 157 5.17 11.06 11.61
CA LYS A 157 6.00 12.08 12.35
C LYS A 157 5.54 13.50 12.09
N ARG A 158 5.20 14.25 13.17
CA ARG A 158 4.86 15.66 12.96
C ARG A 158 6.11 16.50 12.90
N LYS A 159 6.29 17.35 11.89
CA LYS A 159 7.52 18.19 11.88
C LYS A 159 7.22 19.68 11.95
N GLY A 164 2.20 21.54 13.72
CA GLY A 164 2.97 20.68 12.83
C GLY A 164 2.09 19.62 12.20
N TYR A 165 2.21 19.46 10.90
CA TYR A 165 1.50 18.38 10.18
C TYR A 165 2.45 17.20 9.84
N SER A 166 1.91 15.97 9.76
CA SER A 166 2.74 14.84 9.28
C SER A 166 2.71 14.72 7.74
N ALA A 167 3.59 13.84 7.21
CA ALA A 167 3.59 13.65 5.75
C ALA A 167 2.23 13.05 5.34
N GLY A 168 1.69 12.13 6.15
CA GLY A 168 0.43 11.45 5.79
C GLY A 168 -0.72 12.45 5.80
N GLU A 169 -0.62 13.45 6.70
CA GLU A 169 -1.64 14.56 6.65
C GLU A 169 -1.43 15.42 5.41
N ARG A 170 -0.17 15.71 5.08
CA ARG A 170 0.10 16.61 3.95
C ARG A 170 -0.37 15.92 2.69
N ILE A 171 -0.08 14.61 2.50
CA ILE A 171 -0.48 14.07 1.16
C ILE A 171 -1.99 14.12 0.99
N VAL A 172 -2.77 13.77 2.03
CA VAL A 172 -4.28 13.76 1.89
C VAL A 172 -4.80 15.19 1.59
N ASP A 173 -4.20 16.17 2.27
CA ASP A 173 -4.60 17.62 2.05
CA ASP A 173 -4.63 17.57 2.06
C ASP A 173 -4.30 18.05 0.65
N ILE A 174 -3.12 17.71 0.19
CA ILE A 174 -2.75 18.10 -1.17
C ILE A 174 -3.68 17.49 -2.15
N ILE A 175 -3.91 16.16 -2.11
CA ILE A 175 -4.76 15.54 -3.08
C ILE A 175 -6.20 15.97 -2.96
N ALA A 176 -6.69 16.14 -1.73
CA ALA A 176 -8.12 16.52 -1.60
C ALA A 176 -8.28 17.95 -2.16
N THR A 177 -7.30 18.81 -1.97
CA THR A 177 -7.38 20.17 -2.50
C THR A 177 -7.44 20.10 -4.02
N ASP A 178 -6.62 19.23 -4.63
CA ASP A 178 -6.68 18.97 -6.06
C ASP A 178 -8.04 18.48 -6.57
N ILE A 179 -8.66 17.53 -5.88
CA ILE A 179 -9.94 17.00 -6.31
C ILE A 179 -11.00 18.13 -6.26
N GLN A 180 -10.93 18.97 -5.24
CA GLN A 180 -11.96 20.01 -4.98
C GLN A 180 -11.93 21.16 -5.99
N SER B 28 -15.43 7.27 12.19
CA SER B 28 -15.73 6.86 10.76
C SER B 28 -14.67 7.05 9.65
N PRO B 29 -13.93 8.19 9.61
CA PRO B 29 -12.77 8.24 8.73
C PRO B 29 -11.72 7.15 8.99
N GLY B 30 -11.64 6.64 10.23
CA GLY B 30 -10.55 5.70 10.65
C GLY B 30 -11.02 4.22 10.66
N ILE B 31 -12.25 3.92 10.17
N ILE B 31 -12.21 3.92 10.12
CA ILE B 31 -12.78 2.53 10.37
CA ILE B 31 -12.75 2.57 10.32
C ILE B 31 -12.58 1.64 9.15
C ILE B 31 -12.54 1.65 9.11
N TRP B 32 -11.93 0.49 9.32
CA TRP B 32 -11.69 -0.43 8.27
C TRP B 32 -12.22 -1.83 8.64
N GLN B 33 -12.52 -2.62 7.60
CA GLN B 33 -13.02 -4.03 7.74
CA GLN B 33 -12.99 -4.02 7.79
C GLN B 33 -12.13 -4.96 6.97
N LEU B 34 -11.70 -6.03 7.62
CA LEU B 34 -10.92 -7.07 6.90
C LEU B 34 -11.85 -8.04 6.24
N ASP B 35 -11.39 -8.63 5.17
CA ASP B 35 -12.23 -9.62 4.40
C ASP B 35 -11.27 -10.58 3.73
N CYS B 36 -11.60 -11.86 3.72
CA CYS B 36 -10.63 -12.84 3.22
C CYS B 36 -11.42 -13.65 2.19
N THR B 37 -10.95 -13.72 0.96
CA THR B 37 -11.71 -14.47 -0.07
C THR B 37 -10.75 -15.42 -0.77
N HIS B 38 -11.21 -16.49 -1.47
CA HIS B 38 -10.24 -17.44 -2.01
C HIS B 38 -10.38 -17.50 -3.53
N LEU B 39 -9.28 -17.74 -4.21
CA LEU B 39 -9.25 -17.92 -5.67
C LEU B 39 -8.04 -18.69 -6.00
N GLU B 40 -8.19 -19.67 -6.89
CA GLU B 40 -7.02 -20.36 -7.45
C GLU B 40 -6.22 -21.08 -6.40
N GLY B 41 -6.95 -21.52 -5.35
CA GLY B 41 -6.30 -22.20 -4.21
C GLY B 41 -5.41 -21.28 -3.39
N LYS B 42 -5.61 -19.99 -3.51
CA LYS B 42 -4.81 -19.05 -2.71
C LYS B 42 -5.82 -18.16 -2.03
N VAL B 43 -5.31 -17.27 -1.19
CA VAL B 43 -6.11 -16.44 -0.34
C VAL B 43 -5.88 -14.96 -0.70
N ILE B 44 -6.97 -14.21 -0.85
CA ILE B 44 -6.79 -12.79 -1.13
C ILE B 44 -7.30 -12.11 0.15
N LEU B 45 -6.41 -11.39 0.83
CA LEU B 45 -6.82 -10.65 2.03
C LEU B 45 -7.07 -9.19 1.60
N VAL B 46 -8.22 -8.66 2.02
CA VAL B 46 -8.68 -7.35 1.62
C VAL B 46 -8.91 -6.51 2.84
N ALA B 47 -8.59 -5.23 2.82
CA ALA B 47 -9.05 -4.32 3.83
C ALA B 47 -9.92 -3.30 3.15
N VAL B 48 -11.11 -3.08 3.68
CA VAL B 48 -12.03 -2.07 3.10
C VAL B 48 -12.23 -0.90 4.04
N HIS B 49 -12.07 0.33 3.51
CA HIS B 49 -12.39 1.49 4.26
C HIS B 49 -13.88 1.66 4.18
N VAL B 50 -14.55 1.48 5.31
CA VAL B 50 -16.04 1.28 5.30
C VAL B 50 -16.78 2.50 4.71
N ALA B 51 -16.36 3.69 5.06
CA ALA B 51 -17.15 4.87 4.68
C ALA B 51 -17.01 5.14 3.17
N SER B 52 -15.86 4.79 2.52
CA SER B 52 -15.66 5.09 1.07
C SER B 52 -15.76 3.92 0.13
N GLY B 53 -15.61 2.70 0.63
CA GLY B 53 -15.45 1.52 -0.21
C GLY B 53 -14.05 1.34 -0.86
N TYR B 54 -13.09 2.18 -0.48
CA TYR B 54 -11.72 2.02 -1.01
C TYR B 54 -11.16 0.72 -0.47
N ILE B 55 -10.34 0.03 -1.24
CA ILE B 55 -9.73 -1.24 -0.79
C ILE B 55 -8.22 -1.27 -0.97
N GLU B 56 -7.59 -2.12 -0.12
CA GLU B 56 -6.18 -2.57 -0.37
C GLU B 56 -6.26 -4.11 -0.29
N ALA B 57 -5.41 -4.81 -1.03
CA ALA B 57 -5.54 -6.28 -0.96
C ALA B 57 -4.16 -6.87 -1.21
N GLU B 58 -3.95 -8.12 -0.77
CA GLU B 58 -2.78 -8.85 -1.15
CA GLU B 58 -2.77 -8.85 -1.13
C GLU B 58 -3.13 -10.33 -1.32
N VAL B 59 -2.31 -11.05 -2.10
CA VAL B 59 -2.39 -12.51 -2.19
C VAL B 59 -1.41 -13.13 -1.20
N ILE B 60 -1.89 -14.06 -0.36
CA ILE B 60 -1.01 -14.88 0.59
C ILE B 60 -1.37 -16.36 0.40
N PRO B 61 -0.44 -17.30 0.69
CA PRO B 61 -0.81 -18.71 0.36
C PRO B 61 -1.87 -19.25 1.35
N ALA B 62 -1.89 -18.68 2.56
CA ALA B 62 -2.87 -19.03 3.63
C ALA B 62 -3.08 -17.89 4.61
N GLU B 63 -4.24 -17.80 5.26
N GLU B 63 -4.28 -17.78 5.16
CA GLU B 63 -4.52 -16.66 6.19
CA GLU B 63 -4.48 -16.76 6.18
C GLU B 63 -4.12 -16.89 7.67
C GLU B 63 -3.84 -17.33 7.45
N THR B 64 -2.89 -16.58 8.00
CA THR B 64 -2.33 -16.83 9.30
C THR B 64 -2.33 -15.53 10.07
N GLY B 65 -2.19 -15.61 11.40
CA GLY B 65 -2.09 -14.38 12.21
C GLY B 65 -0.87 -13.58 11.77
N GLN B 66 0.25 -14.24 11.50
CA GLN B 66 1.46 -13.49 11.05
C GLN B 66 1.20 -12.71 9.74
N GLU B 67 0.53 -13.35 8.77
CA GLU B 67 0.25 -12.65 7.48
C GLU B 67 -0.72 -11.53 7.75
N THR B 68 -1.74 -11.78 8.56
CA THR B 68 -2.75 -10.69 8.80
C THR B 68 -2.12 -9.51 9.51
N ALA B 69 -1.26 -9.82 10.48
CA ALA B 69 -0.56 -8.80 11.26
C ALA B 69 0.33 -7.90 10.38
N TYR B 70 1.06 -8.53 9.48
CA TYR B 70 1.94 -7.74 8.58
C TYR B 70 1.11 -6.86 7.67
N PHE B 71 0.05 -7.41 7.15
CA PHE B 71 -0.86 -6.63 6.29
C PHE B 71 -1.40 -5.40 7.02
N LEU B 72 -1.79 -5.56 8.28
CA LEU B 72 -2.35 -4.41 9.02
C LEU B 72 -1.24 -3.40 9.32
N LEU B 73 -0.03 -3.89 9.61
CA LEU B 73 1.11 -2.94 9.85
C LEU B 73 1.32 -2.12 8.57
N LYS B 74 1.34 -2.77 7.40
CA LYS B 74 1.41 -2.03 6.13
CA LYS B 74 1.41 -2.00 6.12
C LYS B 74 0.27 -1.01 5.96
N LEU B 75 -0.98 -1.44 6.18
CA LEU B 75 -2.10 -0.55 5.96
C LEU B 75 -1.96 0.70 6.89
N ALA B 76 -1.67 0.45 8.18
CA ALA B 76 -1.66 1.54 9.14
C ALA B 76 -0.51 2.54 8.93
N GLY B 77 0.54 2.12 8.23
CA GLY B 77 1.62 3.09 7.90
C GLY B 77 1.21 3.98 6.69
N ARG B 78 0.13 3.59 5.93
CA ARG B 78 -0.29 4.28 4.71
C ARG B 78 -1.53 5.15 4.94
N TRP B 79 -2.47 4.71 5.79
CA TRP B 79 -3.66 5.45 6.08
C TRP B 79 -3.85 5.51 7.57
N PRO B 80 -4.67 6.48 8.05
CA PRO B 80 -4.83 6.63 9.55
C PRO B 80 -5.88 5.67 10.08
N VAL B 81 -5.48 4.46 10.39
CA VAL B 81 -6.32 3.38 10.69
C VAL B 81 -6.59 3.48 12.23
N LYS B 82 -7.82 3.80 12.59
CA LYS B 82 -8.19 3.86 14.03
C LYS B 82 -8.76 2.55 14.56
N THR B 83 -9.64 1.93 13.78
CA THR B 83 -10.25 0.64 14.19
C THR B 83 -10.23 -0.34 13.07
N VAL B 84 -9.93 -1.60 13.35
CA VAL B 84 -10.11 -2.65 12.33
CA VAL B 84 -10.14 -2.62 12.30
C VAL B 84 -11.12 -3.65 12.85
N HIS B 85 -12.17 -3.90 12.05
CA HIS B 85 -13.09 -5.01 12.33
C HIS B 85 -12.50 -6.25 11.66
N THR B 86 -12.12 -7.24 12.48
CA THR B 86 -11.41 -8.41 11.94
CA THR B 86 -11.42 -8.39 11.98
C THR B 86 -12.39 -9.27 11.15
N ASP B 87 -11.83 -10.10 10.27
CA ASP B 87 -12.69 -10.89 9.30
C ASP B 87 -13.23 -12.20 9.89
N ASN B 88 -12.62 -12.70 10.98
CA ASN B 88 -13.10 -13.95 11.63
C ASN B 88 -12.54 -13.99 13.07
N GLY B 89 -12.94 -14.99 13.84
CA GLY B 89 -12.59 -15.04 15.25
C GLY B 89 -11.14 -15.51 15.42
N SER B 90 -10.55 -16.19 14.44
CA SER B 90 -9.14 -16.64 14.58
C SER B 90 -8.25 -15.38 14.57
N ASN B 91 -8.48 -14.53 13.59
CA ASN B 91 -7.73 -13.20 13.55
C ASN B 91 -8.11 -12.30 14.69
N PHE B 92 -9.31 -12.34 15.22
CA PHE B 92 -9.57 -11.52 16.41
C PHE B 92 -8.77 -12.12 17.61
N THR B 93 -8.72 -13.46 17.71
CA THR B 93 -8.09 -14.06 18.90
C THR B 93 -6.53 -13.96 18.81
N SER B 94 -6.00 -14.03 17.62
CA SER B 94 -4.57 -14.14 17.35
C SER B 94 -3.70 -13.14 18.16
N THR B 95 -2.74 -13.66 18.94
CA THR B 95 -2.00 -12.66 19.76
C THR B 95 -1.07 -11.84 18.81
N THR B 96 -0.65 -12.44 17.72
CA THR B 96 0.20 -11.71 16.76
C THR B 96 -0.57 -10.56 16.12
N VAL B 97 -1.83 -10.85 15.72
CA VAL B 97 -2.65 -9.74 15.22
C VAL B 97 -2.85 -8.68 16.33
N LYS B 98 -3.10 -9.08 17.60
CA LYS B 98 -3.30 -8.04 18.58
C LYS B 98 -1.99 -7.27 18.81
N ALA B 99 -0.88 -7.97 18.70
CA ALA B 99 0.46 -7.29 18.85
C ALA B 99 0.67 -6.25 17.75
N ALA B 100 0.34 -6.55 16.49
CA ALA B 100 0.42 -5.50 15.45
C ALA B 100 -0.54 -4.39 15.66
N CYS B 101 -1.78 -4.67 16.14
CA CYS B 101 -2.75 -3.58 16.36
C CYS B 101 -2.19 -2.72 17.54
N TRP B 102 -1.58 -3.36 18.56
CA TRP B 102 -1.02 -2.54 19.61
C TRP B 102 0.09 -1.70 18.99
N TRP B 103 0.99 -2.29 18.23
CA TRP B 103 2.13 -1.54 17.74
C TRP B 103 1.69 -0.32 16.97
N ALA B 104 0.72 -0.54 16.07
CA ALA B 104 0.32 0.51 15.14
C ALA B 104 -0.78 1.42 15.69
N GLY B 105 -1.14 1.23 16.96
CA GLY B 105 -2.18 2.08 17.53
C GLY B 105 -3.60 1.84 16.99
N ILE B 106 -3.89 0.60 16.65
CA ILE B 106 -5.22 0.30 16.10
C ILE B 106 -6.05 -0.40 17.16
N LYS B 107 -7.34 -0.02 17.21
CA LYS B 107 -8.34 -0.69 18.03
CA LYS B 107 -8.32 -0.69 18.06
C LYS B 107 -8.79 -1.93 17.31
N GLN B 108 -8.50 -3.10 17.83
CA GLN B 108 -8.94 -4.32 17.16
C GLN B 108 -10.35 -4.67 17.62
N GLU B 109 -11.29 -4.86 16.69
CA GLU B 109 -12.63 -5.15 17.08
C GLU B 109 -13.13 -6.40 16.34
N ASP B 110 -14.23 -6.97 16.80
CA ASP B 110 -14.81 -8.11 16.06
C ASP B 110 -15.50 -7.63 14.77
N GLY B 111 -16.04 -8.51 13.93
CA GLY B 111 -16.65 -8.11 12.67
C GLY B 111 -18.07 -8.66 12.63
N ILE B 112 -18.65 -8.80 13.81
N ILE B 112 -18.67 -8.80 13.79
CA ILE B 112 -20.10 -9.25 13.92
CA ILE B 112 -20.07 -9.25 13.78
C ILE B 112 -20.99 -8.25 13.09
C ILE B 112 -20.91 -8.24 12.98
N PRO B 113 -21.78 -8.75 12.10
CA PRO B 113 -22.62 -7.85 11.29
C PRO B 113 -23.88 -7.46 12.09
N TYR B 114 -23.69 -6.68 13.13
CA TYR B 114 -24.84 -6.14 13.87
C TYR B 114 -25.80 -5.41 12.94
N ASN B 115 -25.25 -4.72 11.95
CA ASN B 115 -26.08 -4.24 10.84
C ASN B 115 -26.00 -5.26 9.74
N PRO B 116 -27.15 -5.91 9.44
CA PRO B 116 -27.10 -7.07 8.56
C PRO B 116 -26.68 -6.64 7.14
N GLN B 117 -26.83 -5.34 6.82
CA GLN B 117 -26.31 -4.85 5.50
C GLN B 117 -24.82 -5.17 5.21
N SER B 118 -24.00 -5.21 6.26
CA SER B 118 -22.57 -5.60 6.12
C SER B 118 -22.31 -6.92 5.39
N GLN B 119 -22.95 -8.02 5.78
CA GLN B 119 -22.75 -9.32 5.09
C GLN B 119 -22.92 -9.18 3.58
N GLY B 120 -24.02 -8.52 3.15
CA GLY B 120 -24.34 -8.43 1.73
C GLY B 120 -23.34 -7.54 1.00
N VAL B 121 -22.88 -6.49 1.66
CA VAL B 121 -21.94 -5.51 1.03
C VAL B 121 -20.61 -6.22 0.77
N ILE B 122 -20.10 -6.94 1.77
N ILE B 122 -20.08 -6.95 1.76
CA ILE B 122 -18.87 -7.70 1.66
CA ILE B 122 -18.81 -7.65 1.56
C ILE B 122 -18.96 -8.76 0.59
C ILE B 122 -18.96 -8.76 0.53
N GLU B 123 -20.07 -9.53 0.58
CA GLU B 123 -20.28 -10.58 -0.42
C GLU B 123 -20.29 -9.94 -1.81
N SER B 124 -20.98 -8.83 -1.99
N SER B 124 -21.00 -8.82 -1.90
CA SER B 124 -21.02 -8.27 -3.34
CA SER B 124 -21.13 -8.03 -3.12
C SER B 124 -19.69 -7.59 -3.71
C SER B 124 -19.75 -7.63 -3.63
N MET B 125 -18.94 -7.09 -2.72
CA MET B 125 -17.57 -6.65 -3.07
C MET B 125 -16.69 -7.83 -3.50
N ASN B 126 -16.80 -8.97 -2.84
CA ASN B 126 -15.98 -10.12 -3.26
C ASN B 126 -16.34 -10.56 -4.68
N LYS B 127 -17.65 -10.63 -4.96
CA LYS B 127 -18.08 -11.01 -6.32
CA LYS B 127 -18.08 -10.99 -6.31
C LYS B 127 -17.57 -10.00 -7.35
N GLU B 128 -17.69 -8.70 -7.05
CA GLU B 128 -17.15 -7.62 -7.95
C GLU B 128 -15.64 -7.84 -8.18
N LEU B 129 -14.88 -8.00 -7.11
N LEU B 129 -14.89 -8.01 -7.09
CA LEU B 129 -13.44 -8.19 -7.33
CA LEU B 129 -13.45 -8.22 -7.27
C LEU B 129 -13.08 -9.44 -8.13
C LEU B 129 -13.10 -9.42 -8.12
N LYS B 130 -13.77 -10.55 -7.86
CA LYS B 130 -13.49 -11.77 -8.65
C LYS B 130 -13.89 -11.54 -10.11
N LYS B 131 -14.97 -10.79 -10.33
CA LYS B 131 -15.35 -10.48 -11.75
C LYS B 131 -14.21 -9.68 -12.43
N ILE B 132 -13.72 -8.67 -11.73
CA ILE B 132 -12.64 -7.84 -12.32
C ILE B 132 -11.41 -8.70 -12.56
N ILE B 133 -11.01 -9.48 -11.53
CA ILE B 133 -9.89 -10.34 -11.70
C ILE B 133 -10.02 -11.26 -12.94
N GLY B 134 -11.22 -11.80 -13.18
CA GLY B 134 -11.40 -12.58 -14.42
C GLY B 134 -11.23 -11.79 -15.72
N GLN B 135 -11.65 -10.55 -15.68
CA GLN B 135 -11.53 -9.70 -16.82
C GLN B 135 -10.05 -9.35 -17.11
N VAL B 136 -9.18 -9.38 -16.11
CA VAL B 136 -7.75 -9.08 -16.34
C VAL B 136 -6.87 -10.25 -16.36
N ARG B 137 -7.46 -11.39 -16.01
CA ARG B 137 -6.62 -12.49 -15.58
C ARG B 137 -5.65 -12.93 -16.61
N ASP B 138 -6.02 -12.86 -17.88
CA ASP B 138 -5.09 -13.30 -18.93
C ASP B 138 -4.01 -12.25 -19.31
N GLN B 139 -4.10 -11.05 -18.74
CA GLN B 139 -3.04 -10.06 -18.92
C GLN B 139 -1.93 -10.32 -17.95
N ALA B 140 -2.11 -11.21 -16.96
CA ALA B 140 -1.03 -11.40 -15.89
C ALA B 140 -0.65 -12.86 -15.81
N GLU B 141 0.63 -13.13 -15.66
CA GLU B 141 1.08 -14.49 -15.42
C GLU B 141 0.66 -14.85 -13.97
N HIS B 142 0.95 -13.94 -13.01
CA HIS B 142 0.71 -14.29 -11.60
C HIS B 142 -0.59 -13.70 -11.06
N LEU B 143 -1.30 -14.45 -10.20
CA LEU B 143 -2.51 -13.94 -9.59
C LEU B 143 -2.22 -12.62 -8.87
N LYS B 144 -1.04 -12.44 -8.22
CA LYS B 144 -0.86 -11.18 -7.45
C LYS B 144 -0.97 -9.96 -8.36
N THR B 145 -0.47 -10.08 -9.56
CA THR B 145 -0.62 -8.96 -10.54
C THR B 145 -2.08 -8.67 -10.85
N ALA B 146 -2.87 -9.73 -11.18
CA ALA B 146 -4.25 -9.55 -11.48
C ALA B 146 -4.99 -8.91 -10.32
N VAL B 147 -4.65 -9.35 -9.08
CA VAL B 147 -5.36 -8.72 -7.88
C VAL B 147 -5.01 -7.25 -7.76
N GLN B 148 -3.75 -6.89 -8.05
CA GLN B 148 -3.47 -5.47 -7.91
C GLN B 148 -4.12 -4.68 -9.09
N MET B 149 -4.25 -5.30 -10.29
CA MET B 149 -4.98 -4.58 -11.36
C MET B 149 -6.43 -4.41 -10.93
N ALA B 150 -6.96 -5.44 -10.20
CA ALA B 150 -8.36 -5.32 -9.73
C ALA B 150 -8.59 -4.29 -8.68
N VAL B 151 -7.62 -4.17 -7.76
CA VAL B 151 -7.63 -3.07 -6.76
C VAL B 151 -7.62 -1.71 -7.49
N PHE B 152 -6.74 -1.59 -8.51
CA PHE B 152 -6.66 -0.33 -9.26
C PHE B 152 -8.01 0.01 -9.90
N ILE B 153 -8.59 -0.95 -10.56
CA ILE B 153 -9.87 -0.67 -11.27
C ILE B 153 -10.93 -0.37 -10.26
N HIS B 154 -11.01 -1.15 -9.19
CA HIS B 154 -12.05 -0.89 -8.16
C HIS B 154 -11.93 0.53 -7.60
N ASN B 155 -10.70 0.94 -7.18
CA ASN B 155 -10.53 2.20 -6.52
C ASN B 155 -10.70 3.40 -7.47
N HIS B 156 -10.50 3.19 -8.75
CA HIS B 156 -10.66 4.32 -9.72
C HIS B 156 -12.03 4.41 -10.33
N LYS B 157 -12.84 3.38 -10.16
CA LYS B 157 -14.20 3.38 -10.80
C LYS B 157 -15.11 4.48 -10.31
N ARG B 158 -15.67 5.31 -11.23
CA ARG B 158 -16.61 6.30 -10.73
C ARG B 158 -18.02 5.75 -10.66
N LYS B 159 -18.71 5.89 -9.54
CA LYS B 159 -20.06 5.27 -9.42
C LYS B 159 -21.12 6.37 -9.47
N GLY B 164 -20.12 12.03 -10.22
CA GLY B 164 -19.90 10.87 -9.35
C GLY B 164 -18.42 10.67 -9.08
N TYR B 165 -18.10 10.13 -7.93
CA TYR B 165 -16.72 10.08 -7.47
C TYR B 165 -16.22 8.63 -7.37
N SER B 166 -14.89 8.46 -7.34
CA SER B 166 -14.38 7.11 -7.13
C SER B 166 -14.19 6.86 -5.62
N ALA B 167 -13.97 5.58 -5.27
CA ALA B 167 -13.68 5.27 -3.83
C ALA B 167 -12.37 6.01 -3.46
N GLY B 168 -11.39 6.09 -4.37
CA GLY B 168 -10.09 6.70 -3.99
C GLY B 168 -10.29 8.19 -3.77
N GLU B 169 -11.25 8.76 -4.51
CA GLU B 169 -11.53 10.21 -4.26
C GLU B 169 -12.27 10.33 -2.93
N ARG B 170 -13.20 9.41 -2.68
CA ARG B 170 -13.98 9.51 -1.46
C ARG B 170 -13.10 9.36 -0.23
N ILE B 171 -12.16 8.39 -0.27
CA ILE B 171 -11.37 8.20 1.01
C ILE B 171 -10.55 9.46 1.31
N VAL B 172 -9.92 10.05 0.30
CA VAL B 172 -9.10 11.30 0.51
C VAL B 172 -9.96 12.48 1.04
N ASP B 173 -11.15 12.65 0.47
CA ASP B 173 -12.11 13.71 0.93
CA ASP B 173 -12.05 13.73 0.92
C ASP B 173 -12.54 13.52 2.37
N ILE B 174 -12.91 12.31 2.70
CA ILE B 174 -13.29 12.00 4.08
C ILE B 174 -12.18 12.27 5.05
N ILE B 175 -10.94 11.79 4.79
CA ILE B 175 -9.91 11.95 5.78
C ILE B 175 -9.47 13.38 5.80
N ALA B 176 -9.46 14.04 4.62
CA ALA B 176 -9.08 15.48 4.62
C ALA B 176 -10.09 16.33 5.43
N THR B 177 -11.36 15.99 5.33
CA THR B 177 -12.42 16.75 6.02
C THR B 177 -12.18 16.54 7.50
N ASP B 178 -11.85 15.31 7.90
CA ASP B 178 -11.58 15.02 9.28
C ASP B 178 -10.33 15.75 9.85
N ILE B 179 -9.31 15.90 9.02
CA ILE B 179 -8.09 16.54 9.50
C ILE B 179 -8.35 18.03 9.68
N GLN B 180 -9.19 18.61 8.84
CA GLN B 180 -9.39 20.09 8.80
C GLN B 180 -10.18 20.62 10.01
N SER C 1 6.21 -14.06 -21.81
CA SER C 1 5.05 -14.88 -22.28
C SER C 1 3.83 -14.08 -22.67
N ASP C 2 4.07 -12.87 -23.18
CA ASP C 2 2.99 -11.93 -23.54
C ASP C 2 2.11 -11.42 -22.36
N LYS C 3 2.67 -11.32 -21.16
CA LYS C 3 1.82 -10.79 -20.07
C LYS C 3 2.47 -9.53 -19.55
N ILE C 4 1.72 -8.64 -18.91
CA ILE C 4 2.29 -7.41 -18.26
C ILE C 4 3.49 -7.70 -17.37
N ASP C 5 3.39 -8.84 -16.64
CA ASP C 5 4.37 -9.16 -15.59
C ASP C 5 5.35 -10.17 -16.13
N ASN C 6 5.12 -10.63 -17.36
CA ASN C 6 6.07 -11.49 -18.07
C ASN C 6 5.97 -11.21 -19.61
N LEU C 7 6.70 -10.17 -20.02
CA LEU C 7 6.52 -9.71 -21.41
C LEU C 7 6.90 -10.81 -22.42
N ASP C 8 7.86 -11.64 -22.06
CA ASP C 8 8.36 -12.63 -23.04
C ASP C 8 7.32 -13.22 -24.03
N SER D 1 10.05 -15.71 19.14
CA SER D 1 11.38 -15.32 19.72
C SER D 1 11.39 -13.92 20.30
N ASP D 2 10.28 -13.54 20.94
CA ASP D 2 10.06 -12.19 21.48
C ASP D 2 10.17 -11.02 20.47
N LYS D 3 9.53 -11.17 19.32
CA LYS D 3 9.51 -10.11 18.30
C LYS D 3 8.07 -9.92 17.92
N ILE D 4 7.72 -8.76 17.36
CA ILE D 4 6.31 -8.46 16.96
C ILE D 4 5.82 -9.48 15.94
N ASP D 5 6.75 -9.89 15.05
CA ASP D 5 6.41 -10.78 13.93
C ASP D 5 6.73 -12.20 14.25
N ASN D 6 7.26 -12.43 15.45
CA ASN D 6 7.52 -13.79 15.95
C ASN D 6 7.50 -13.75 17.49
N LEU D 7 6.26 -13.84 18.00
CA LEU D 7 6.08 -13.62 19.46
C LEU D 7 6.86 -14.69 20.25
N ASP D 8 6.96 -15.89 19.67
CA ASP D 8 7.61 -17.06 20.34
C ASP D 8 9.02 -16.81 20.86
S SO4 E . 22.57 2.80 -0.51
O1 SO4 E . 23.92 3.30 -0.37
O2 SO4 E . 22.31 1.89 0.53
O3 SO4 E . 21.71 3.96 -0.45
O4 SO4 E . 22.41 2.02 -1.76
S SO4 F . 14.91 -11.49 6.96
O1 SO4 F . 15.50 -10.34 7.58
O2 SO4 F . 15.95 -11.96 6.05
O3 SO4 F . 14.58 -12.52 7.90
O4 SO4 F . 13.75 -11.16 6.08
S SO4 G . 12.94 -5.77 -18.36
O1 SO4 G . 13.66 -5.63 -19.54
O2 SO4 G . 13.35 -5.03 -17.13
O3 SO4 G . 11.65 -5.41 -18.92
O4 SO4 G . 12.89 -7.09 -17.80
S SO4 H . 3.15 -1.18 -1.32
O1 SO4 H . 1.92 -0.41 -1.69
O2 SO4 H . 4.14 -0.31 -0.64
O3 SO4 H . 2.66 -2.27 -0.49
O4 SO4 H . 3.87 -1.64 -2.50
CL CL I . 19.99 -4.87 -6.91
C ACY J . -6.64 5.71 -6.47
O ACY J . -6.78 6.90 -6.86
OXT ACY J . -7.33 5.05 -5.61
CH3 ACY J . -5.47 5.05 -7.06
C ACY K . -0.42 7.63 7.90
O ACY K . -1.44 8.16 8.42
OXT ACY K . 0.34 8.09 6.97
CH3 ACY K . -0.16 6.27 8.44
S SO4 L . -14.74 -17.19 -0.68
O1 SO4 L . -13.89 -17.41 -1.77
O2 SO4 L . -13.94 -17.66 0.45
O3 SO4 L . -15.19 -15.81 -0.53
O4 SO4 L . -15.98 -17.92 -0.85
S SO4 M . 0.83 -17.53 -9.44
O1 SO4 M . 1.81 -17.73 -10.50
O2 SO4 M . 1.29 -16.53 -8.44
O3 SO4 M . -0.48 -17.29 -9.95
O4 SO4 M . 0.69 -18.74 -8.65
S SO4 N . -0.89 -16.32 16.42
O1 SO4 N . -0.53 -15.28 17.37
O2 SO4 N . 0.24 -16.83 15.65
O3 SO4 N . -1.33 -17.17 17.44
O4 SO4 N . -1.88 -16.12 15.36
S SO4 O . -0.83 -3.31 1.33
O1 SO4 O . 0.17 -2.32 0.84
O2 SO4 O . -1.50 -2.87 2.61
O3 SO4 O . -1.85 -3.57 0.32
O4 SO4 O . -0.19 -4.59 1.49
CL CL P . -6.42 -20.15 4.75
#